data_4FE3
#
_entry.id   4FE3
#
_cell.length_a   46.878
_cell.length_b   46.878
_cell.length_c   287.101
_cell.angle_alpha   90.000
_cell.angle_beta   90.000
_cell.angle_gamma   90.000
#
_symmetry.space_group_name_H-M   'P 43 2 2'
#
loop_
_entity.id
_entity.type
_entity.pdbx_description
1 polymer "Cytosolic 5'-nucleotidase 3"
2 non-polymer BETA-MERCAPTOETHANOL
3 non-polymer 'SODIUM ION'
4 non-polymer 'MAGNESIUM ION'
5 non-polymer "URIDINE-5'-MONOPHOSPHATE"
6 water water
#
_entity_poly.entity_id   1
_entity_poly.type   'polypeptide(L)'
_entity_poly.pdbx_seq_one_letter_code
;MTNQESAVHLKMMPEFQKSSVRIKNPTRVEEIICGLIKGGAAKLQIITDFNMTLSRFSYNGKRCPTCHNIIDNCKLVTDE
CRRKLLQLKEQYYAIEVDPVLTVEEKFPYMVEWYTKSHGLLIEQGIPKAKLKEIVADSDVMLKEGYENFFGKLQQHGIPV
FIFSAGIGDVLEEVIRQAGVYHSNVKVVSNFMDFDENGVLKGFKGELIHVFNKHDGALKNTDYFSQLKDNSNIILLGDSQ
GDLRMADGVANVEHILKIGYLNDRVDELLEKYMDSYDIVLVKEESLEVVNSILQKTL
;
_entity_poly.pdbx_strand_id   A
#
# COMPACT_ATOMS: atom_id res chain seq x y z
N ALA A 7 14.21 -25.49 10.95
CA ALA A 7 14.86 -24.44 10.12
C ALA A 7 14.03 -24.07 8.91
N VAL A 8 14.14 -22.81 8.50
CA VAL A 8 13.51 -22.31 7.28
C VAL A 8 14.48 -22.45 6.11
N HIS A 9 14.06 -23.14 5.05
CA HIS A 9 14.89 -23.28 3.86
C HIS A 9 14.09 -22.81 2.70
N LEU A 10 14.46 -21.66 2.14
CA LEU A 10 13.72 -21.11 1.03
C LEU A 10 13.69 -22.07 -0.15
N LYS A 11 14.75 -22.85 -0.34
CA LYS A 11 14.81 -23.75 -1.48
C LYS A 11 13.76 -24.84 -1.43
N MET A 12 13.17 -25.03 -0.25
CA MET A 12 12.15 -26.07 -0.05
C MET A 12 10.75 -25.50 -0.29
N MET A 13 10.65 -24.19 -0.57
CA MET A 13 9.37 -23.50 -0.70
C MET A 13 9.15 -23.02 -2.13
N PRO A 14 8.23 -23.68 -2.87
CA PRO A 14 8.12 -23.37 -4.28
C PRO A 14 7.73 -21.91 -4.59
N GLU A 15 6.97 -21.27 -3.69
CA GLU A 15 6.52 -19.89 -3.92
C GLU A 15 7.74 -18.99 -4.06
N PHE A 16 8.84 -19.39 -3.41
CA PHE A 16 10.08 -18.56 -3.37
C PHE A 16 10.96 -18.80 -4.58
N GLN A 17 10.64 -19.83 -5.36
CA GLN A 17 11.38 -20.11 -6.60
C GLN A 17 10.70 -19.55 -7.85
N LYS A 18 9.53 -18.98 -7.71
CA LYS A 18 8.86 -18.33 -8.84
C LYS A 18 9.81 -17.26 -9.43
N SER A 19 9.78 -17.06 -10.75
CA SER A 19 10.78 -16.18 -11.37
C SER A 19 10.59 -14.71 -10.96
N SER A 20 9.42 -14.34 -10.43
CA SER A 20 9.19 -12.95 -10.00
C SER A 20 9.87 -12.67 -8.64
N VAL A 21 10.41 -13.70 -7.99
CA VAL A 21 10.87 -13.52 -6.60
C VAL A 21 12.37 -13.30 -6.58
N ARG A 22 12.79 -12.10 -6.17
CA ARG A 22 14.21 -11.76 -6.12
C ARG A 22 14.62 -11.42 -4.69
N ILE A 23 15.65 -12.12 -4.21
CA ILE A 23 16.09 -12.00 -2.81
C ILE A 23 17.60 -11.86 -2.76
N LYS A 24 18.06 -10.68 -2.35
CA LYS A 24 19.50 -10.41 -2.34
C LYS A 24 20.21 -11.30 -1.29
N ASN A 25 19.58 -11.48 -0.12
CA ASN A 25 20.23 -12.12 1.01
C ASN A 25 19.35 -13.26 1.52
N PRO A 26 19.42 -14.43 0.87
CA PRO A 26 18.43 -15.43 1.29
C PRO A 26 18.65 -16.00 2.69
N THR A 27 19.89 -16.08 3.18
CA THR A 27 20.08 -16.59 4.53
C THR A 27 19.51 -15.64 5.56
N ARG A 28 19.60 -14.32 5.32
CA ARG A 28 18.98 -13.36 6.24
C ARG A 28 17.46 -13.47 6.22
N VAL A 29 16.89 -13.60 5.02
CA VAL A 29 15.43 -13.80 4.89
C VAL A 29 15.01 -15.06 5.64
N GLU A 30 15.79 -16.14 5.53
CA GLU A 30 15.52 -17.33 6.36
C GLU A 30 15.51 -17.07 7.85
N GLU A 31 16.49 -16.30 8.33
CA GLU A 31 16.60 -16.01 9.77
C GLU A 31 15.40 -15.19 10.19
N ILE A 32 15.03 -14.20 9.36
CA ILE A 32 13.88 -13.36 9.71
C ILE A 32 12.60 -14.18 9.83
N ILE A 33 12.34 -14.98 8.80
CA ILE A 33 11.14 -15.80 8.78
C ILE A 33 11.18 -16.78 9.95
N CYS A 34 12.35 -17.35 10.24
CA CYS A 34 12.48 -18.18 11.42
C CYS A 34 12.03 -17.42 12.69
N GLY A 35 12.46 -16.17 12.83
CA GLY A 35 12.04 -15.30 13.93
C GLY A 35 10.54 -15.09 13.97
N LEU A 36 9.93 -14.79 12.81
CA LEU A 36 8.46 -14.60 12.76
C LEU A 36 7.77 -15.87 13.26
N ILE A 37 8.26 -17.03 12.82
CA ILE A 37 7.60 -18.29 13.12
C ILE A 37 7.72 -18.56 14.62
N LYS A 38 8.91 -18.30 15.16
CA LYS A 38 9.12 -18.42 16.62
C LYS A 38 8.11 -17.60 17.44
N GLY A 39 7.82 -16.40 16.98
CA GLY A 39 7.02 -15.46 17.75
C GLY A 39 5.55 -15.77 17.64
N GLY A 40 5.17 -16.31 16.49
CA GLY A 40 3.80 -16.67 16.16
C GLY A 40 2.85 -15.50 16.15
N ALA A 41 1.57 -15.81 16.32
CA ALA A 41 0.52 -14.78 16.25
C ALA A 41 0.72 -13.71 17.30
N ALA A 42 1.15 -14.10 18.48
CA ALA A 42 1.18 -13.19 19.61
C ALA A 42 2.15 -12.04 19.40
N LYS A 43 3.14 -12.22 18.54
CA LYS A 43 4.16 -11.21 18.34
C LYS A 43 4.02 -10.46 17.01
N LEU A 44 3.05 -10.85 16.18
CA LEU A 44 3.06 -10.39 14.77
C LEU A 44 2.20 -9.14 14.62
N GLN A 45 2.65 -8.18 13.78
CA GLN A 45 1.71 -7.18 13.22
C GLN A 45 2.10 -6.87 11.77
N ILE A 46 1.15 -6.33 10.99
CA ILE A 46 1.39 -6.06 9.56
C ILE A 46 1.30 -4.55 9.37
N ILE A 47 2.25 -4.02 8.62
CA ILE A 47 2.17 -2.62 8.19
C ILE A 47 2.28 -2.62 6.68
N THR A 48 1.27 -2.11 6.00
CA THR A 48 1.22 -2.26 4.55
C THR A 48 0.74 -1.00 3.84
N ASP A 49 1.31 -0.77 2.66
CA ASP A 49 0.81 0.22 1.70
C ASP A 49 -0.49 -0.29 1.11
N PHE A 50 -1.21 0.57 0.39
CA PHE A 50 -2.36 0.08 -0.30
C PHE A 50 -2.20 -0.01 -1.81
N ASN A 51 -2.17 1.14 -2.49
CA ASN A 51 -2.23 1.13 -3.96
C ASN A 51 -1.00 0.46 -4.57
N MET A 52 -1.27 -0.50 -5.46
CA MET A 52 -0.23 -1.28 -6.17
C MET A 52 0.54 -2.24 -5.26
N THR A 53 0.17 -2.27 -3.99
CA THR A 53 0.71 -3.25 -3.03
C THR A 53 -0.38 -4.27 -2.67
N LEU A 54 -1.49 -3.82 -2.07
CA LEU A 54 -2.62 -4.73 -1.88
C LEU A 54 -3.49 -4.79 -3.10
N SER A 55 -3.46 -3.73 -3.90
CA SER A 55 -4.22 -3.75 -5.16
C SER A 55 -3.30 -4.06 -6.33
N ARG A 56 -3.89 -4.50 -7.45
CA ARG A 56 -3.04 -4.85 -8.61
C ARG A 56 -2.58 -3.61 -9.39
N PHE A 57 -1.37 -3.71 -9.93
CA PHE A 57 -0.83 -2.63 -10.78
C PHE A 57 -1.42 -2.76 -12.20
N SER A 58 -1.62 -4.00 -12.63
CA SER A 58 -2.21 -4.25 -13.96
C SER A 58 -2.88 -5.63 -13.97
N TYR A 59 -3.74 -5.85 -14.97
CA TYR A 59 -4.46 -7.11 -15.13
C TYR A 59 -4.70 -7.29 -16.63
N ASN A 60 -4.29 -8.42 -17.18
CA ASN A 60 -4.42 -8.66 -18.62
C ASN A 60 -3.82 -7.54 -19.45
N GLY A 61 -2.63 -7.09 -19.08
CA GLY A 61 -1.93 -6.06 -19.85
C GLY A 61 -2.61 -4.69 -19.89
N LYS A 62 -3.51 -4.44 -18.95
CA LYS A 62 -4.12 -3.13 -18.79
C LYS A 62 -3.80 -2.59 -17.37
N ARG A 63 -3.43 -1.32 -17.29
CA ARG A 63 -3.11 -0.66 -16.00
C ARG A 63 -4.38 -0.57 -15.15
N CYS A 64 -4.25 -0.83 -13.85
CA CYS A 64 -5.42 -0.78 -12.95
C CYS A 64 -5.42 0.54 -12.16
N PRO A 65 -6.59 0.97 -11.67
CA PRO A 65 -6.68 2.28 -11.03
C PRO A 65 -6.13 2.29 -9.62
N THR A 66 -5.51 3.40 -9.25
CA THR A 66 -5.31 3.71 -7.84
C THR A 66 -6.60 4.26 -7.27
N CYS A 67 -6.63 4.50 -5.96
CA CYS A 67 -7.80 5.09 -5.32
CA CYS A 67 -7.86 5.06 -5.42
C CYS A 67 -8.15 6.48 -5.90
N HIS A 68 -7.11 7.27 -6.21
CA HIS A 68 -7.38 8.56 -6.87
C HIS A 68 -8.00 8.35 -8.23
N ASN A 69 -7.50 7.36 -8.97
CA ASN A 69 -7.96 7.09 -10.35
C ASN A 69 -9.40 6.62 -10.32
N ILE A 70 -9.79 5.92 -9.25
CA ILE A 70 -11.18 5.51 -9.17
C ILE A 70 -12.08 6.73 -9.29
N ILE A 71 -11.73 7.80 -8.59
CA ILE A 71 -12.52 9.03 -8.72
C ILE A 71 -12.29 9.67 -10.09
N ASP A 72 -11.04 9.73 -10.55
CA ASP A 72 -10.71 10.37 -11.84
C ASP A 72 -11.61 9.85 -12.93
N ASN A 73 -11.76 8.52 -12.95
CA ASN A 73 -12.46 7.80 -14.02
C ASN A 73 -13.97 7.65 -13.87
N CYS A 74 -14.56 8.20 -12.81
CA CYS A 74 -15.96 7.86 -12.52
C CYS A 74 -16.94 8.87 -13.16
N LYS A 75 -18.22 8.52 -13.09
CA LYS A 75 -19.31 9.31 -13.71
C LYS A 75 -19.44 10.72 -13.16
N LEU A 76 -18.98 10.94 -11.94
CA LEU A 76 -19.20 12.21 -11.26
C LEU A 76 -18.14 13.24 -11.62
N VAL A 77 -17.28 12.87 -12.56
CA VAL A 77 -16.20 13.75 -13.02
C VAL A 77 -16.43 13.97 -14.50
N THR A 78 -16.44 15.22 -14.95
CA THR A 78 -16.63 15.53 -16.37
C THR A 78 -15.46 15.06 -17.23
N ASP A 79 -15.71 14.88 -18.53
CA ASP A 79 -14.68 14.43 -19.45
C ASP A 79 -13.50 15.40 -19.54
N GLU A 80 -13.79 16.69 -19.37
CA GLU A 80 -12.77 17.73 -19.44
C GLU A 80 -11.84 17.59 -18.24
N CYS A 81 -12.46 17.46 -17.07
CA CYS A 81 -11.76 17.24 -15.81
C CYS A 81 -10.94 15.95 -15.84
N ARG A 82 -11.53 14.87 -16.33
CA ARG A 82 -10.82 13.60 -16.40
C ARG A 82 -9.57 13.74 -17.25
N ARG A 83 -9.71 14.44 -18.37
CA ARG A 83 -8.58 14.73 -19.24
C ARG A 83 -7.43 15.47 -18.51
N LYS A 84 -7.79 16.52 -17.78
CA LYS A 84 -6.80 17.23 -16.96
C LYS A 84 -6.12 16.27 -15.97
N LEU A 85 -6.92 15.41 -15.31
CA LEU A 85 -6.39 14.56 -14.23
C LEU A 85 -5.48 13.48 -14.81
N LEU A 86 -5.86 13.00 -15.99
CA LEU A 86 -5.06 12.00 -16.68
C LEU A 86 -3.70 12.54 -17.11
N GLN A 87 -3.69 13.78 -17.61
CA GLN A 87 -2.48 14.49 -17.97
C GLN A 87 -1.59 14.79 -16.75
N LEU A 88 -2.19 15.23 -15.65
CA LEU A 88 -1.46 15.32 -14.38
C LEU A 88 -0.82 13.99 -14.01
N LYS A 89 -1.56 12.89 -14.11
CA LYS A 89 -0.96 11.61 -13.75
C LYS A 89 0.21 11.26 -14.67
N GLU A 90 0.05 11.44 -15.98
CA GLU A 90 1.16 11.21 -16.91
C GLU A 90 2.38 11.99 -16.55
N GLN A 91 2.19 13.26 -16.21
CA GLN A 91 3.31 14.13 -15.90
C GLN A 91 3.97 13.70 -14.60
N TYR A 92 3.16 13.53 -13.55
CA TYR A 92 3.72 13.43 -12.20
C TYR A 92 4.11 11.98 -11.85
N TYR A 93 3.40 10.99 -12.40
CA TYR A 93 3.82 9.59 -12.18
C TYR A 93 5.21 9.39 -12.79
N ALA A 94 5.46 10.04 -13.92
CA ALA A 94 6.75 9.95 -14.57
C ALA A 94 7.88 10.39 -13.63
N ILE A 95 7.64 11.44 -12.86
CA ILE A 95 8.56 11.87 -11.83
C ILE A 95 8.60 10.92 -10.63
N GLU A 96 7.43 10.49 -10.17
CA GLU A 96 7.35 9.51 -9.08
C GLU A 96 8.27 8.30 -9.25
N VAL A 97 8.25 7.72 -10.47
CA VAL A 97 9.05 6.51 -10.72
C VAL A 97 10.42 6.73 -11.34
N ASP A 98 10.76 7.99 -11.62
CA ASP A 98 12.01 8.34 -12.29
C ASP A 98 13.22 7.79 -11.55
N PRO A 99 13.99 6.89 -12.19
CA PRO A 99 15.12 6.27 -11.50
C PRO A 99 16.30 7.20 -11.20
N VAL A 100 16.41 8.31 -11.93
CA VAL A 100 17.53 9.24 -11.75
C VAL A 100 17.37 10.08 -10.49
N LEU A 101 16.15 10.53 -10.21
CA LEU A 101 15.92 11.52 -9.14
C LEU A 101 15.98 10.93 -7.74
N THR A 102 16.49 11.69 -6.79
CA THR A 102 16.50 11.27 -5.39
C THR A 102 15.10 11.46 -4.79
N VAL A 103 14.84 10.78 -3.67
CA VAL A 103 13.59 10.95 -2.91
C VAL A 103 13.40 12.43 -2.59
N GLU A 104 14.48 13.10 -2.21
CA GLU A 104 14.43 14.52 -1.91
C GLU A 104 14.11 15.40 -3.11
N GLU A 105 14.58 15.03 -4.30
CA GLU A 105 14.25 15.83 -5.50
C GLU A 105 12.81 15.60 -5.98
N LYS A 106 12.30 14.38 -5.79
CA LYS A 106 10.92 14.08 -6.16
C LYS A 106 9.91 14.74 -5.22
N PHE A 107 10.27 14.87 -3.93
CA PHE A 107 9.36 15.34 -2.88
C PHE A 107 8.50 16.54 -3.28
N PRO A 108 9.11 17.65 -3.68
CA PRO A 108 8.24 18.81 -3.98
C PRO A 108 7.29 18.58 -5.15
N TYR A 109 7.70 17.77 -6.13
CA TYR A 109 6.80 17.48 -7.24
C TYR A 109 5.60 16.65 -6.79
N MET A 110 5.79 15.78 -5.81
CA MET A 110 4.67 15.05 -5.26
C MET A 110 3.69 15.94 -4.50
N VAL A 111 4.23 16.84 -3.69
CA VAL A 111 3.38 17.83 -3.05
C VAL A 111 2.54 18.60 -4.09
N GLU A 112 3.18 19.01 -5.18
CA GLU A 112 2.53 19.81 -6.21
C GLU A 112 1.43 19.00 -6.93
N TRP A 113 1.75 17.75 -7.27
CA TRP A 113 0.77 16.86 -7.86
C TRP A 113 -0.48 16.77 -7.02
N TYR A 114 -0.31 16.47 -5.73
CA TYR A 114 -1.46 16.30 -4.85
C TYR A 114 -2.22 17.61 -4.68
N THR A 115 -1.49 18.72 -4.64
CA THR A 115 -2.18 20.01 -4.54
C THR A 115 -3.07 20.25 -5.75
N LYS A 116 -2.52 19.99 -6.94
CA LYS A 116 -3.26 20.16 -8.18
C LYS A 116 -4.40 19.16 -8.30
N SER A 117 -4.10 17.89 -8.05
CA SER A 117 -5.10 16.85 -8.09
C SER A 117 -6.26 17.05 -7.11
N HIS A 118 -5.96 17.32 -5.85
CA HIS A 118 -7.03 17.53 -4.89
C HIS A 118 -7.81 18.77 -5.17
N GLY A 119 -7.10 19.81 -5.59
CA GLY A 119 -7.76 21.04 -6.10
C GLY A 119 -8.89 20.74 -7.07
N LEU A 120 -8.57 20.02 -8.14
CA LEU A 120 -9.52 19.64 -9.20
C LEU A 120 -10.68 18.79 -8.69
N LEU A 121 -10.39 17.86 -7.78
CA LEU A 121 -11.45 17.02 -7.23
C LEU A 121 -12.44 17.84 -6.40
N ILE A 122 -11.92 18.82 -5.66
CA ILE A 122 -12.76 19.71 -4.89
C ILE A 122 -13.64 20.57 -5.81
N GLU A 123 -13.03 21.10 -6.88
CA GLU A 123 -13.79 21.83 -7.90
C GLU A 123 -14.97 21.00 -8.40
N GLN A 124 -14.73 19.72 -8.65
CA GLN A 124 -15.76 18.84 -9.16
C GLN A 124 -16.82 18.49 -8.11
N GLY A 125 -16.58 18.85 -6.86
CA GLY A 125 -17.55 18.63 -5.78
C GLY A 125 -18.09 17.22 -5.68
N ILE A 126 -17.22 16.27 -5.35
CA ILE A 126 -17.59 14.86 -5.21
C ILE A 126 -18.51 14.62 -4.02
N PRO A 127 -19.70 14.07 -4.29
CA PRO A 127 -20.64 13.79 -3.22
C PRO A 127 -20.36 12.49 -2.45
N LYS A 128 -20.34 12.62 -1.13
CA LYS A 128 -20.10 11.50 -0.26
C LYS A 128 -21.03 10.34 -0.56
N ALA A 129 -22.28 10.66 -0.90
CA ALA A 129 -23.33 9.64 -1.01
C ALA A 129 -23.13 8.78 -2.26
N LYS A 130 -22.26 9.24 -3.14
CA LYS A 130 -22.01 8.52 -4.39
C LYS A 130 -20.80 7.59 -4.29
N LEU A 131 -20.04 7.64 -3.18
CA LEU A 131 -18.82 6.82 -3.14
C LEU A 131 -19.07 5.32 -3.28
N LYS A 132 -20.13 4.79 -2.66
CA LYS A 132 -20.42 3.36 -2.80
C LYS A 132 -20.57 2.99 -4.27
N GLU A 133 -21.44 3.70 -4.99
CA GLU A 133 -21.65 3.40 -6.42
C GLU A 133 -20.37 3.58 -7.23
N ILE A 134 -19.65 4.67 -6.99
CA ILE A 134 -18.41 4.97 -7.70
C ILE A 134 -17.44 3.79 -7.59
N VAL A 135 -17.26 3.28 -6.38
CA VAL A 135 -16.36 2.16 -6.17
C VAL A 135 -16.88 0.89 -6.85
N ALA A 136 -18.18 0.64 -6.75
CA ALA A 136 -18.78 -0.59 -7.28
C ALA A 136 -18.67 -0.64 -8.80
N ASP A 137 -18.77 0.53 -9.41
CA ASP A 137 -18.62 0.67 -10.85
C ASP A 137 -17.17 0.76 -11.35
N SER A 138 -16.18 0.83 -10.46
CA SER A 138 -14.81 1.07 -10.92
C SER A 138 -14.11 -0.21 -11.36
N ASP A 139 -12.90 -0.06 -11.85
CA ASP A 139 -12.10 -1.21 -12.32
C ASP A 139 -11.06 -1.66 -11.28
N VAL A 140 -11.21 -1.23 -10.05
CA VAL A 140 -10.23 -1.57 -9.00
C VAL A 140 -10.11 -3.09 -8.87
N MET A 141 -8.90 -3.60 -8.63
CA MET A 141 -8.76 -5.03 -8.41
C MET A 141 -7.76 -5.27 -7.30
N LEU A 142 -8.16 -6.04 -6.30
CA LEU A 142 -7.17 -6.48 -5.29
C LEU A 142 -6.29 -7.61 -5.80
N LYS A 143 -5.14 -7.77 -5.17
CA LYS A 143 -4.22 -8.82 -5.59
C LYS A 143 -4.79 -10.23 -5.38
N GLU A 144 -4.36 -11.16 -6.24
CA GLU A 144 -4.74 -12.55 -6.07
C GLU A 144 -4.35 -13.01 -4.68
N GLY A 145 -5.29 -13.67 -3.98
CA GLY A 145 -5.04 -14.17 -2.63
C GLY A 145 -5.42 -13.19 -1.52
N TYR A 146 -6.13 -12.11 -1.88
CA TYR A 146 -6.48 -11.13 -0.87
C TYR A 146 -7.43 -11.73 0.18
N GLU A 147 -8.35 -12.62 -0.22
CA GLU A 147 -9.32 -13.16 0.76
C GLU A 147 -8.59 -13.93 1.87
N ASN A 148 -7.61 -14.73 1.49
CA ASN A 148 -6.86 -15.53 2.44
C ASN A 148 -5.90 -14.71 3.29
N PHE A 149 -5.34 -13.65 2.69
CA PHE A 149 -4.49 -12.73 3.42
C PHE A 149 -5.30 -12.09 4.55
N PHE A 150 -6.36 -11.37 4.21
CA PHE A 150 -7.14 -10.71 5.24
C PHE A 150 -7.84 -11.70 6.16
N GLY A 151 -8.20 -12.86 5.61
CA GLY A 151 -8.97 -13.84 6.37
C GLY A 151 -8.13 -14.49 7.47
N LYS A 152 -6.92 -14.92 7.12
CA LYS A 152 -5.99 -15.55 8.07
C LYS A 152 -5.60 -14.54 9.13
N LEU A 153 -5.32 -13.32 8.69
CA LEU A 153 -4.95 -12.28 9.66
C LEU A 153 -6.07 -12.00 10.68
N GLN A 154 -7.32 -11.91 10.22
CA GLN A 154 -8.45 -11.66 11.15
C GLN A 154 -8.69 -12.88 12.04
N GLN A 155 -8.57 -14.10 11.47
CA GLN A 155 -8.78 -15.35 12.25
C GLN A 155 -7.87 -15.34 13.47
N HIS A 156 -6.68 -14.78 13.33
CA HIS A 156 -5.69 -14.80 14.41
C HIS A 156 -5.57 -13.49 15.16
N GLY A 157 -6.46 -12.55 14.87
CA GLY A 157 -6.46 -11.22 15.47
C GLY A 157 -5.18 -10.42 15.28
N ILE A 158 -4.55 -10.57 14.12
CA ILE A 158 -3.28 -9.85 13.85
C ILE A 158 -3.57 -8.40 13.46
N PRO A 159 -2.95 -7.43 14.15
CA PRO A 159 -3.17 -6.03 13.77
C PRO A 159 -2.62 -5.77 12.36
N VAL A 160 -3.43 -5.13 11.54
CA VAL A 160 -3.03 -4.72 10.19
C VAL A 160 -3.18 -3.21 10.09
N PHE A 161 -2.12 -2.52 9.74
CA PHE A 161 -2.11 -1.05 9.65
C PHE A 161 -1.93 -0.72 8.17
N ILE A 162 -2.99 -0.25 7.50
CA ILE A 162 -2.84 0.10 6.09
C ILE A 162 -2.57 1.60 5.98
N PHE A 163 -1.38 1.92 5.50
CA PHE A 163 -0.85 3.31 5.56
C PHE A 163 -0.71 3.79 4.11
N SER A 164 -1.69 4.56 3.63
CA SER A 164 -1.81 4.85 2.18
C SER A 164 -1.73 6.34 1.92
N ALA A 165 -1.00 6.74 0.89
CA ALA A 165 -1.03 8.12 0.41
C ALA A 165 -2.13 8.33 -0.64
N GLY A 166 -3.18 7.50 -0.63
CA GLY A 166 -4.29 7.65 -1.56
C GLY A 166 -5.44 8.47 -1.00
N ILE A 167 -6.66 7.98 -1.19
CA ILE A 167 -7.84 8.60 -0.58
C ILE A 167 -8.48 7.59 0.38
N GLY A 168 -8.56 7.94 1.66
CA GLY A 168 -9.04 6.99 2.70
C GLY A 168 -10.46 6.52 2.48
N ASP A 169 -11.36 7.44 2.11
CA ASP A 169 -12.76 7.08 1.92
C ASP A 169 -12.94 6.03 0.82
N VAL A 170 -12.14 6.15 -0.25
CA VAL A 170 -12.19 5.25 -1.36
C VAL A 170 -11.62 3.88 -0.97
N LEU A 171 -10.45 3.90 -0.32
CA LEU A 171 -9.78 2.67 0.12
C LEU A 171 -10.73 1.89 1.04
N GLU A 172 -11.29 2.56 2.04
CA GLU A 172 -12.24 1.90 2.92
C GLU A 172 -13.40 1.26 2.14
N GLU A 173 -13.96 1.98 1.16
CA GLU A 173 -15.11 1.45 0.42
C GLU A 173 -14.71 0.24 -0.43
N VAL A 174 -13.50 0.26 -1.00
CA VAL A 174 -12.96 -0.89 -1.72
C VAL A 174 -12.92 -2.13 -0.82
N ILE A 175 -12.27 -2.00 0.34
CA ILE A 175 -12.14 -3.16 1.20
C ILE A 175 -13.46 -3.59 1.86
N ARG A 176 -14.34 -2.61 2.14
CA ARG A 176 -15.70 -2.90 2.62
C ARG A 176 -16.44 -3.76 1.58
N GLN A 177 -16.49 -3.30 0.33
CA GLN A 177 -17.13 -4.05 -0.74
C GLN A 177 -16.56 -5.42 -1.03
N ALA A 178 -15.24 -5.58 -0.88
CA ALA A 178 -14.57 -6.87 -1.02
C ALA A 178 -14.77 -7.81 0.19
N GLY A 179 -15.37 -7.27 1.24
CA GLY A 179 -15.75 -8.03 2.42
C GLY A 179 -14.56 -8.32 3.34
N VAL A 180 -13.53 -7.50 3.23
CA VAL A 180 -12.31 -7.76 4.01
C VAL A 180 -11.93 -6.66 5.00
N TYR A 181 -12.83 -5.71 5.25
CA TYR A 181 -12.50 -4.65 6.19
C TYR A 181 -12.91 -5.10 7.61
N HIS A 182 -12.12 -6.05 8.13
CA HIS A 182 -12.37 -6.67 9.43
C HIS A 182 -11.88 -5.76 10.53
N SER A 183 -12.21 -6.08 11.78
CA SER A 183 -11.93 -5.20 12.90
C SER A 183 -10.42 -5.09 13.23
N ASN A 184 -9.63 -6.03 12.71
CA ASN A 184 -8.20 -5.94 12.90
C ASN A 184 -7.51 -4.96 11.95
N VAL A 185 -8.27 -4.35 11.04
CA VAL A 185 -7.70 -3.44 10.05
C VAL A 185 -7.85 -1.98 10.44
N LYS A 186 -6.73 -1.27 10.53
CA LYS A 186 -6.73 0.19 10.78
C LYS A 186 -6.25 0.89 9.51
N VAL A 187 -7.00 1.89 9.06
CA VAL A 187 -6.64 2.62 7.83
C VAL A 187 -6.18 4.05 8.16
N VAL A 188 -5.02 4.45 7.66
CA VAL A 188 -4.56 5.83 7.77
C VAL A 188 -4.24 6.31 6.37
N SER A 189 -4.90 7.39 5.95
CA SER A 189 -4.75 7.90 4.58
C SER A 189 -5.27 9.35 4.55
N ASN A 190 -5.39 9.92 3.36
CA ASN A 190 -6.03 11.25 3.19
C ASN A 190 -7.53 11.10 3.10
N PHE A 191 -8.22 11.52 4.17
CA PHE A 191 -9.65 11.38 4.21
C PHE A 191 -10.33 12.66 3.79
N MET A 192 -11.42 12.49 3.07
CA MET A 192 -12.16 13.64 2.51
C MET A 192 -12.87 14.42 3.61
N ASP A 193 -12.99 15.73 3.38
CA ASP A 193 -13.75 16.61 4.27
C ASP A 193 -14.96 17.12 3.50
N PHE A 194 -16.15 16.93 4.07
CA PHE A 194 -17.38 17.16 3.33
C PHE A 194 -18.12 18.34 3.94
N ASP A 195 -18.67 19.20 3.10
CA ASP A 195 -19.47 20.33 3.59
C ASP A 195 -20.85 19.86 4.05
N GLU A 196 -21.67 20.79 4.57
CA GLU A 196 -22.94 20.42 5.19
C GLU A 196 -23.89 19.68 4.23
N ASN A 197 -23.70 19.91 2.94
CA ASN A 197 -24.45 19.22 1.88
C ASN A 197 -23.89 17.87 1.42
N GLY A 198 -22.88 17.35 2.13
CA GLY A 198 -22.19 16.11 1.70
C GLY A 198 -21.35 16.27 0.44
N VAL A 199 -20.80 17.46 0.24
CA VAL A 199 -20.05 17.78 -0.98
C VAL A 199 -18.57 18.00 -0.65
N LEU A 200 -17.69 17.29 -1.35
CA LEU A 200 -16.25 17.43 -1.09
C LEU A 200 -15.84 18.90 -1.03
N LYS A 201 -15.26 19.30 0.11
CA LYS A 201 -14.72 20.66 0.25
C LYS A 201 -13.23 20.73 0.56
N GLY A 202 -12.61 19.58 0.87
CA GLY A 202 -11.19 19.57 1.17
C GLY A 202 -10.76 18.23 1.71
N PHE A 203 -9.58 18.18 2.31
CA PHE A 203 -9.09 16.95 2.93
C PHE A 203 -8.70 17.20 4.38
N LYS A 204 -8.84 16.16 5.20
CA LYS A 204 -8.60 16.26 6.63
C LYS A 204 -7.12 16.11 7.00
N GLY A 205 -6.69 16.79 8.06
CA GLY A 205 -5.40 16.52 8.67
C GLY A 205 -4.29 16.99 7.78
N GLU A 206 -3.11 16.39 7.93
CA GLU A 206 -1.94 16.73 7.10
C GLU A 206 -1.86 15.79 5.90
N LEU A 207 -1.50 16.34 4.75
CA LEU A 207 -1.33 15.55 3.54
C LEU A 207 -0.33 14.41 3.75
N ILE A 208 -0.74 13.18 3.37
CA ILE A 208 0.19 12.06 3.24
C ILE A 208 0.47 11.91 1.74
N HIS A 209 1.73 12.02 1.33
CA HIS A 209 2.09 11.78 -0.06
C HIS A 209 3.14 10.70 -0.14
N VAL A 210 3.51 10.33 -1.37
CA VAL A 210 4.47 9.25 -1.61
C VAL A 210 5.73 9.29 -0.72
N PHE A 211 6.22 10.49 -0.45
CA PHE A 211 7.53 10.61 0.17
C PHE A 211 7.58 11.26 1.54
N ASN A 212 6.46 11.29 2.24
CA ASN A 212 6.51 11.70 3.62
C ASN A 212 5.86 10.75 4.58
N LYS A 213 5.83 9.44 4.28
CA LYS A 213 5.16 8.55 5.21
C LYS A 213 5.95 8.44 6.51
N HIS A 214 7.26 8.73 6.48
CA HIS A 214 8.04 8.82 7.72
C HIS A 214 7.43 9.76 8.73
N ASP A 215 6.79 10.83 8.26
CA ASP A 215 6.04 11.76 9.13
C ASP A 215 4.83 11.18 9.83
N GLY A 216 3.92 10.61 9.06
CA GLY A 216 2.69 10.08 9.60
C GLY A 216 2.98 8.83 10.41
N ALA A 217 4.11 8.16 10.14
CA ALA A 217 4.47 6.96 10.90
C ALA A 217 4.72 7.34 12.37
N LEU A 218 5.20 8.56 12.60
CA LEU A 218 5.53 9.01 13.98
C LEU A 218 4.32 9.65 14.66
N LYS A 219 3.26 9.91 13.91
CA LYS A 219 2.10 10.62 14.39
C LYS A 219 0.95 9.65 14.71
N ASN A 220 1.29 8.37 14.85
CA ASN A 220 0.34 7.34 15.24
C ASN A 220 0.78 6.56 16.49
N THR A 221 1.24 7.28 17.51
CA THR A 221 1.81 6.62 18.70
C THR A 221 0.75 5.97 19.58
N ASP A 222 -0.46 6.50 19.57
CA ASP A 222 -1.54 5.83 20.26
C ASP A 222 -1.50 4.38 19.78
N TYR A 223 -1.52 4.22 18.45
CA TYR A 223 -1.68 2.90 17.85
C TYR A 223 -0.48 1.99 18.16
N PHE A 224 0.73 2.46 17.84
CA PHE A 224 1.89 1.60 17.98
C PHE A 224 2.30 1.31 19.42
N SER A 225 2.05 2.26 20.31
CA SER A 225 2.37 2.04 21.72
C SER A 225 1.47 0.98 22.36
N GLN A 226 0.25 0.83 21.83
CA GLN A 226 -0.64 -0.25 22.28
C GLN A 226 -0.23 -1.64 21.76
N LEU A 227 0.62 -1.66 20.73
CA LEU A 227 1.13 -2.89 20.15
C LEU A 227 2.60 -3.14 20.48
N LYS A 228 3.05 -2.65 21.63
CA LYS A 228 4.42 -2.91 22.02
C LYS A 228 4.82 -4.39 21.97
N ASP A 229 3.93 -5.30 22.36
CA ASP A 229 4.23 -6.75 22.33
C ASP A 229 4.43 -7.28 20.90
N ASN A 230 3.91 -6.56 19.92
CA ASN A 230 3.92 -7.05 18.53
C ASN A 230 5.20 -6.60 17.85
N SER A 231 6.30 -7.25 18.24
CA SER A 231 7.63 -6.79 17.87
C SER A 231 8.14 -7.49 16.61
N ASN A 232 7.31 -8.30 15.99
CA ASN A 232 7.70 -8.90 14.71
C ASN A 232 6.79 -8.30 13.62
N ILE A 233 7.37 -7.74 12.56
CA ILE A 233 6.57 -6.91 11.64
C ILE A 233 6.81 -7.47 10.25
N ILE A 234 5.73 -7.60 9.48
CA ILE A 234 5.86 -7.75 8.03
C ILE A 234 5.41 -6.45 7.41
N LEU A 235 6.29 -5.84 6.62
CA LEU A 235 5.98 -4.56 5.95
C LEU A 235 5.88 -4.87 4.44
N LEU A 236 4.80 -4.39 3.82
CA LEU A 236 4.59 -4.52 2.38
CA LEU A 236 4.55 -4.54 2.38
C LEU A 236 4.48 -3.16 1.74
N GLY A 237 5.21 -2.98 0.64
CA GLY A 237 5.16 -1.73 -0.09
C GLY A 237 5.47 -1.88 -1.57
N ASP A 238 5.35 -0.79 -2.32
CA ASP A 238 5.71 -0.83 -3.77
C ASP A 238 6.65 0.31 -4.11
N SER A 239 6.83 1.22 -3.15
CA SER A 239 7.62 2.44 -3.36
CA SER A 239 7.65 2.40 -3.39
C SER A 239 8.81 2.48 -2.41
N GLN A 240 9.84 3.25 -2.76
CA GLN A 240 10.87 3.53 -1.78
C GLN A 240 10.32 4.30 -0.58
N GLY A 241 9.28 5.09 -0.83
CA GLY A 241 8.63 5.86 0.25
C GLY A 241 8.03 4.94 1.29
N ASP A 242 7.68 3.71 0.90
CA ASP A 242 7.01 2.81 1.83
C ASP A 242 7.92 2.19 2.89
N LEU A 243 9.22 2.31 2.70
CA LEU A 243 10.19 1.69 3.57
C LEU A 243 10.18 2.35 4.93
N ARG A 244 9.63 3.55 4.99
CA ARG A 244 9.55 4.33 6.21
C ARG A 244 8.30 4.07 7.05
N MET A 245 7.41 3.17 6.63
CA MET A 245 6.08 3.10 7.24
C MET A 245 6.13 2.49 8.66
N ALA A 246 7.20 1.78 9.00
CA ALA A 246 7.35 1.16 10.33
C ALA A 246 8.19 2.02 11.28
N ASP A 247 8.42 3.28 10.91
CA ASP A 247 9.30 4.17 11.73
C ASP A 247 8.70 4.48 13.11
N GLY A 248 7.38 4.32 13.26
CA GLY A 248 6.75 4.60 14.57
C GLY A 248 6.60 3.38 15.45
N VAL A 249 7.07 2.22 15.00
CA VAL A 249 6.85 1.00 15.76
C VAL A 249 7.64 1.04 17.06
N ALA A 250 7.02 0.53 18.12
CA ALA A 250 7.51 0.68 19.51
C ALA A 250 8.77 -0.13 19.69
N ASN A 251 8.70 -1.39 19.34
CA ASN A 251 9.82 -2.28 19.52
C ASN A 251 9.90 -3.21 18.31
N VAL A 252 11.04 -3.20 17.65
CA VAL A 252 11.23 -4.10 16.52
C VAL A 252 12.23 -5.19 16.83
N GLU A 253 11.77 -6.43 16.83
CA GLU A 253 12.67 -7.57 16.98
C GLU A 253 13.03 -8.17 15.63
N HIS A 254 12.03 -8.50 14.84
CA HIS A 254 12.27 -9.01 13.49
C HIS A 254 11.37 -8.24 12.59
N ILE A 255 11.89 -7.72 11.49
CA ILE A 255 11.04 -7.05 10.50
C ILE A 255 11.42 -7.59 9.13
N LEU A 256 10.41 -8.01 8.37
CA LEU A 256 10.59 -8.46 6.99
C LEU A 256 9.93 -7.43 6.07
N LYS A 257 10.71 -6.88 5.12
CA LYS A 257 10.18 -5.89 4.16
C LYS A 257 10.02 -6.53 2.78
N ILE A 258 8.79 -6.59 2.28
CA ILE A 258 8.50 -7.19 0.99
C ILE A 258 8.08 -6.05 0.08
N GLY A 259 8.75 -5.93 -1.07
CA GLY A 259 8.47 -4.81 -1.96
C GLY A 259 8.00 -5.30 -3.32
N TYR A 260 6.90 -4.72 -3.80
CA TYR A 260 6.43 -5.01 -5.17
C TYR A 260 7.08 -4.03 -6.10
N LEU A 261 7.86 -4.55 -7.05
CA LEU A 261 8.48 -3.69 -8.07
C LEU A 261 7.69 -3.83 -9.37
N ASN A 262 6.97 -2.75 -9.72
CA ASN A 262 5.92 -2.82 -10.76
C ASN A 262 6.31 -2.15 -12.08
N ASP A 263 7.36 -1.33 -12.06
CA ASP A 263 7.66 -0.49 -13.22
C ASP A 263 9.11 -0.04 -13.19
N ARG A 264 9.67 0.27 -14.37
CA ARG A 264 11.08 0.57 -14.48
C ARG A 264 11.94 -0.49 -13.83
N VAL A 265 11.59 -1.75 -14.06
CA VAL A 265 12.20 -2.84 -13.33
C VAL A 265 13.72 -2.92 -13.47
N ASP A 266 14.23 -2.92 -14.70
CA ASP A 266 15.66 -3.08 -14.83
C ASP A 266 16.45 -1.95 -14.16
N GLU A 267 15.94 -0.71 -14.26
CA GLU A 267 16.62 0.42 -13.66
C GLU A 267 16.54 0.45 -12.15
N LEU A 268 15.48 -0.15 -11.60
CA LEU A 268 15.22 -0.03 -10.17
C LEU A 268 15.55 -1.31 -9.39
N LEU A 269 15.81 -2.41 -10.09
CA LEU A 269 15.97 -3.70 -9.41
C LEU A 269 17.06 -3.68 -8.33
N GLU A 270 18.23 -3.10 -8.63
CA GLU A 270 19.30 -3.12 -7.62
C GLU A 270 18.92 -2.37 -6.35
N LYS A 271 18.34 -1.18 -6.53
CA LYS A 271 17.99 -0.32 -5.40
C LYS A 271 16.90 -1.03 -4.59
N TYR A 272 15.96 -1.67 -5.29
CA TYR A 272 14.89 -2.38 -4.56
C TYR A 272 15.45 -3.60 -3.82
N MET A 273 16.31 -4.36 -4.49
CA MET A 273 16.91 -5.51 -3.83
C MET A 273 17.81 -5.15 -2.65
N ASP A 274 18.40 -3.95 -2.67
CA ASP A 274 19.21 -3.49 -1.54
C ASP A 274 18.34 -3.07 -0.33
N SER A 275 17.11 -2.61 -0.59
CA SER A 275 16.31 -1.93 0.43
C SER A 275 15.15 -2.78 0.96
N TYR A 276 14.61 -3.65 0.11
CA TYR A 276 13.60 -4.63 0.56
C TYR A 276 14.22 -6.01 0.69
N ASP A 277 13.81 -6.76 1.70
CA ASP A 277 14.32 -8.12 1.86
C ASP A 277 13.92 -9.01 0.73
N ILE A 278 12.65 -8.94 0.35
CA ILE A 278 12.14 -9.74 -0.77
C ILE A 278 11.54 -8.79 -1.80
N VAL A 279 11.96 -8.91 -3.06
CA VAL A 279 11.38 -8.06 -4.13
C VAL A 279 10.54 -8.96 -5.02
N LEU A 280 9.31 -8.53 -5.29
CA LEU A 280 8.38 -9.29 -6.14
C LEU A 280 8.21 -8.51 -7.43
N VAL A 281 8.75 -9.03 -8.52
CA VAL A 281 8.83 -8.26 -9.77
C VAL A 281 7.61 -8.58 -10.65
N LYS A 282 6.83 -7.56 -10.99
CA LYS A 282 5.62 -7.71 -11.85
C LYS A 282 4.73 -8.83 -11.37
N GLU A 283 4.41 -8.79 -10.08
CA GLU A 283 3.76 -9.89 -9.40
C GLU A 283 2.37 -9.43 -8.95
N GLU A 284 1.30 -10.11 -9.39
CA GLU A 284 -0.02 -9.63 -9.01
C GLU A 284 -0.70 -10.43 -7.90
N SER A 285 0.07 -11.28 -7.21
CA SER A 285 -0.49 -12.06 -6.10
C SER A 285 0.19 -11.82 -4.76
N LEU A 286 -0.50 -12.25 -3.73
CA LEU A 286 0.00 -12.20 -2.35
C LEU A 286 0.48 -13.59 -1.93
N GLU A 287 0.82 -14.43 -2.90
CA GLU A 287 1.22 -15.81 -2.52
C GLU A 287 2.42 -15.94 -1.59
N VAL A 288 3.44 -15.12 -1.80
CA VAL A 288 4.61 -15.19 -0.95
C VAL A 288 4.31 -14.78 0.49
N VAL A 289 3.64 -13.64 0.69
CA VAL A 289 3.28 -13.28 2.07
C VAL A 289 2.27 -14.29 2.68
N ASN A 290 1.33 -14.76 1.88
CA ASN A 290 0.39 -15.77 2.38
C ASN A 290 1.12 -17.04 2.85
N SER A 291 2.15 -17.42 2.12
CA SER A 291 2.91 -18.62 2.49
CA SER A 291 2.93 -18.61 2.47
C SER A 291 3.66 -18.40 3.80
N ILE A 292 4.22 -17.21 4.00
CA ILE A 292 4.83 -16.88 5.28
C ILE A 292 3.84 -16.88 6.43
N LEU A 293 2.66 -16.29 6.20
CA LEU A 293 1.62 -16.32 7.23
C LEU A 293 1.20 -17.76 7.57
N GLN A 294 1.11 -18.60 6.55
CA GLN A 294 0.70 -20.01 6.78
C GLN A 294 1.70 -20.70 7.72
N LYS A 295 2.98 -20.35 7.59
CA LYS A 295 4.01 -20.97 8.44
C LYS A 295 4.05 -20.34 9.81
N THR A 296 3.54 -19.12 9.93
CA THR A 296 3.69 -18.35 11.15
C THR A 296 2.51 -18.55 12.10
N LEU A 297 1.30 -18.60 11.54
CA LEU A 297 0.11 -18.46 12.36
C LEU A 297 -0.40 -19.81 12.84
#